data_7SIA
#
_entry.id   7SIA
#
_cell.length_a   46.277
_cell.length_b   46.277
_cell.length_c   139.003
_cell.angle_alpha   90.00
_cell.angle_beta   90.00
_cell.angle_gamma   90.00
#
_symmetry.space_group_name_H-M   'P 43'
#
loop_
_entity.id
_entity.type
_entity.pdbx_description
1 polymer Integrase
2 non-polymer '(2-{[3-({4-[2-(3-{[3-(carboxymethyl)-5-methyl-1-benzofuran-2-yl]ethynyl}benzamido)ethyl]piperazin-1-yl}methyl)phenyl]ethynyl}-5-methyl-1-benzofuran-3-yl)acetic acid'
3 non-polymer 'IODIDE ION'
4 non-polymer 'SULFATE ION'
5 water water
#
_entity_poly.entity_id   1
_entity_poly.type   'polypeptide(L)'
_entity_poly.pdbx_seq_one_letter_code
;MHGEVDSSPGIWQLDCTHLEGKVILVAVHVASGYIEAEVIPAETGQETAYFLLKLAGRWPVKTVHTDNGSNFTSTTVKAA
CEWAGIKQEFGIPYNPQSQGVIESMNKELKKIIGQVRDQAEHLKTAVQMAVFIHNKKRGIGGYSAGERIVDIIATDIETK
E
;
_entity_poly.pdbx_strand_id   A,B
#
loop_
_chem_comp.id
_chem_comp.type
_chem_comp.name
_chem_comp.formula
9I4 non-polymer '(2-{[3-({4-[2-(3-{[3-(carboxymethyl)-5-methyl-1-benzofuran-2-yl]ethynyl}benzamido)ethyl]piperazin-1-yl}methyl)phenyl]ethynyl}-5-methyl-1-benzofuran-3-yl)acetic acid' 'C46 H41 N3 O7'
IOD non-polymer 'IODIDE ION' 'I -1'
SO4 non-polymer 'SULFATE ION' 'O4 S -2'
#
# COMPACT_ATOMS: atom_id res chain seq x y z
N SER A 8 15.52 12.23 -7.24
CA SER A 8 14.07 12.09 -7.13
C SER A 8 13.66 10.82 -6.39
N PRO A 9 14.34 10.50 -5.29
CA PRO A 9 13.95 9.29 -4.55
C PRO A 9 12.54 9.34 -4.00
N GLY A 10 12.17 10.41 -3.31
CA GLY A 10 10.86 10.48 -2.66
C GLY A 10 9.87 11.39 -3.35
N ILE A 11 10.01 11.57 -4.65
CA ILE A 11 9.18 12.51 -5.41
C ILE A 11 7.99 11.76 -6.01
N TRP A 12 6.79 12.26 -5.74
CA TRP A 12 5.54 11.66 -6.18
C TRP A 12 4.66 12.75 -6.77
N GLN A 13 3.73 12.35 -7.63
CA GLN A 13 2.71 13.25 -8.14
C GLN A 13 1.34 12.60 -7.97
N LEU A 14 0.41 13.37 -7.42
CA LEU A 14 -0.92 12.91 -7.06
C LEU A 14 -1.94 13.54 -8.01
N ASP A 15 -2.92 12.74 -8.44
CA ASP A 15 -3.91 13.19 -9.39
C ASP A 15 -5.18 12.37 -9.21
N CYS A 16 -6.25 12.81 -9.84
CA CYS A 16 -7.55 12.16 -9.76
C CYS A 16 -8.02 11.76 -11.15
N THR A 17 -8.70 10.62 -11.23
CA THR A 17 -9.36 10.21 -12.46
C THR A 17 -10.75 9.71 -12.09
N HIS A 18 -11.58 9.49 -13.12
CA HIS A 18 -12.99 9.19 -12.91
C HIS A 18 -13.42 8.05 -13.83
N LEU A 19 -14.13 7.09 -13.26
CA LEU A 19 -14.79 6.05 -14.02
C LEU A 19 -16.11 5.66 -13.35
N GLU A 20 -17.13 5.37 -14.15
CA GLU A 20 -18.38 4.83 -13.65
C GLU A 20 -18.94 5.66 -12.51
N GLY A 21 -18.71 6.97 -12.59
CA GLY A 21 -19.22 7.88 -11.59
C GLY A 21 -18.50 7.83 -10.27
N LYS A 22 -17.27 7.33 -10.26
CA LYS A 22 -16.45 7.23 -9.06
C LYS A 22 -15.18 8.03 -9.26
N VAL A 23 -14.46 8.28 -8.16
CA VAL A 23 -13.21 9.03 -8.19
C VAL A 23 -12.10 8.07 -7.80
N ILE A 24 -10.95 8.18 -8.47
CA ILE A 24 -9.83 7.26 -8.28
C ILE A 24 -8.58 8.10 -8.03
N LEU A 25 -8.15 8.16 -6.77
CA LEU A 25 -6.90 8.83 -6.45
C LEU A 25 -5.73 8.00 -6.98
N VAL A 26 -4.80 8.66 -7.67
CA VAL A 26 -3.68 7.96 -8.31
C VAL A 26 -2.38 8.66 -7.91
N ALA A 27 -1.50 7.94 -7.22
CA ALA A 27 -0.18 8.41 -6.86
C ALA A 27 0.86 7.74 -7.76
N VAL A 28 1.72 8.56 -8.38
CA VAL A 28 2.75 8.07 -9.28
C VAL A 28 4.12 8.42 -8.70
N HIS A 29 4.98 7.43 -8.56
CA HIS A 29 6.39 7.67 -8.27
C HIS A 29 7.09 8.03 -9.58
N VAL A 30 7.51 9.28 -9.67
CA VAL A 30 7.81 9.88 -10.97
C VAL A 30 8.95 9.15 -11.66
N ALA A 31 10.00 8.81 -10.92
CA ALA A 31 11.18 8.23 -11.55
C ALA A 31 10.93 6.84 -12.10
N SER A 32 10.04 6.07 -11.47
CA SER A 32 9.86 4.66 -11.82
C SER A 32 8.59 4.38 -12.60
N GLY A 33 7.58 5.24 -12.50
CA GLY A 33 6.28 4.94 -13.05
C GLY A 33 5.41 4.09 -12.16
N TYR A 34 5.92 3.63 -11.02
CA TYR A 34 5.12 2.84 -10.09
C TYR A 34 3.92 3.62 -9.64
N ILE A 35 2.77 2.96 -9.52
CA ILE A 35 1.57 3.66 -9.09
C ILE A 35 0.86 2.97 -7.94
N GLU A 36 0.14 3.78 -7.18
CA GLU A 36 -0.74 3.43 -6.08
C GLU A 36 -2.07 4.08 -6.44
N ALA A 37 -3.19 3.38 -6.28
CA ALA A 37 -4.49 4.01 -6.53
C ALA A 37 -5.51 3.48 -5.53
N GLU A 38 -6.68 4.13 -5.51
CA GLU A 38 -7.77 3.75 -4.63
C GLU A 38 -9.04 4.44 -5.09
N VAL A 39 -10.15 3.72 -5.06
CA VAL A 39 -11.47 4.30 -5.35
C VAL A 39 -11.93 5.00 -4.08
N ILE A 40 -11.73 6.32 -4.01
CA ILE A 40 -12.35 7.16 -2.99
C ILE A 40 -13.88 7.25 -3.08
N PRO A 41 -14.54 6.81 -2.01
CA PRO A 41 -16.00 6.87 -1.97
C PRO A 41 -16.49 8.28 -2.11
N ALA A 42 -15.80 9.21 -1.45
CA ALA A 42 -16.14 10.63 -1.47
C ALA A 42 -15.26 11.34 -2.47
N GLU A 43 -14.45 12.34 -2.10
CA GLU A 43 -14.04 13.04 -3.29
C GLU A 43 -12.58 13.41 -2.97
N THR A 44 -12.38 14.07 -1.81
CA THR A 44 -11.08 14.60 -1.41
C THR A 44 -10.93 14.53 0.11
N GLY A 45 -10.12 15.43 0.67
CA GLY A 45 -10.25 15.78 2.08
C GLY A 45 -9.64 14.76 3.01
N GLN A 46 -10.44 14.14 3.86
CA GLN A 46 -9.91 13.05 4.68
C GLN A 46 -9.65 11.77 3.91
N GLU A 47 -10.24 11.64 2.72
CA GLU A 47 -9.91 10.48 1.89
C GLU A 47 -8.50 10.62 1.34
N THR A 48 -8.14 11.82 0.86
CA THR A 48 -6.81 12.05 0.33
C THR A 48 -5.76 11.98 1.44
N ALA A 49 -6.10 12.49 2.63
CA ALA A 49 -5.15 12.47 3.74
C ALA A 49 -4.84 11.04 4.17
N TYR A 50 -5.87 10.20 4.26
CA TYR A 50 -5.68 8.79 4.60
C TYR A 50 -4.79 8.10 3.57
N PHE A 51 -5.12 8.28 2.29
CA PHE A 51 -4.36 7.66 1.20
C PHE A 51 -2.89 8.06 1.25
N LEU A 52 -2.61 9.33 1.55
CA LEU A 52 -1.24 9.81 1.62
C LEU A 52 -0.50 9.23 2.80
N LEU A 53 -1.16 9.14 3.96
CA LEU A 53 -0.53 8.57 5.14
C LEU A 53 -0.16 7.11 4.92
N LYS A 54 -1.09 6.33 4.37
CA LYS A 54 -0.75 4.95 4.02
C LYS A 54 0.47 4.90 3.12
N LEU A 55 0.43 5.67 2.02
CA LEU A 55 1.53 5.71 1.06
C LEU A 55 2.86 6.00 1.72
N ALA A 56 2.90 7.02 2.59
CA ALA A 56 4.15 7.40 3.23
C ALA A 56 4.60 6.36 4.25
N GLY A 57 3.69 5.53 4.75
CA GLY A 57 4.08 4.44 5.62
C GLY A 57 4.76 3.30 4.89
N ARG A 58 4.62 3.26 3.56
CA ARG A 58 5.16 2.20 2.73
C ARG A 58 6.44 2.61 2.01
N TRP A 59 6.51 3.83 1.56
CA TRP A 59 7.61 4.29 0.64
C TRP A 59 8.23 5.54 1.21
N PRO A 60 9.38 5.94 0.63
CA PRO A 60 9.87 7.31 0.84
C PRO A 60 8.95 8.28 0.13
N VAL A 61 8.31 9.15 0.90
CA VAL A 61 7.42 10.19 0.37
C VAL A 61 7.88 11.52 0.95
N LYS A 62 8.61 12.29 0.16
CA LYS A 62 9.15 13.58 0.56
C LYS A 62 8.43 14.75 -0.06
N THR A 63 8.12 14.67 -1.36
CA THR A 63 7.48 15.75 -2.08
C THR A 63 6.37 15.17 -2.93
N VAL A 64 5.16 15.71 -2.78
CA VAL A 64 4.01 15.31 -3.57
C VAL A 64 3.60 16.50 -4.43
N HIS A 65 3.57 16.30 -5.75
CA HIS A 65 3.22 17.35 -6.70
C HIS A 65 1.78 17.18 -7.16
N THR A 66 1.04 18.28 -7.18
CA THR A 66 -0.29 18.35 -7.77
C THR A 66 -0.35 19.62 -8.61
N ASP A 67 -1.29 19.65 -9.57
CA ASP A 67 -1.36 20.74 -10.53
C ASP A 67 -2.69 21.48 -10.50
N ASN A 68 -3.45 21.41 -9.42
CA ASN A 68 -4.56 22.32 -9.20
C ASN A 68 -4.55 22.73 -7.73
N GLY A 69 -5.58 23.46 -7.32
CA GLY A 69 -5.63 23.97 -5.97
C GLY A 69 -6.35 23.11 -4.96
N SER A 70 -6.90 21.98 -5.38
CA SER A 70 -7.86 21.26 -4.55
C SER A 70 -7.24 20.84 -3.22
N ASN A 71 -6.04 20.28 -3.23
CA ASN A 71 -5.45 19.73 -2.02
C ASN A 71 -4.90 20.79 -1.07
N PHE A 72 -4.78 22.03 -1.52
CA PHE A 72 -4.33 23.11 -0.64
C PHE A 72 -5.44 23.66 0.23
N THR A 73 -6.66 23.16 0.07
CA THR A 73 -7.81 23.66 0.82
C THR A 73 -8.38 22.61 1.76
N SER A 74 -7.56 21.66 2.20
CA SER A 74 -7.99 20.60 3.11
C SER A 74 -7.11 20.66 4.35
N THR A 75 -7.73 20.89 5.50
CA THR A 75 -6.97 20.93 6.75
C THR A 75 -6.45 19.54 7.10
N THR A 76 -7.20 18.49 6.76
CA THR A 76 -6.74 17.14 7.06
C THR A 76 -5.54 16.76 6.21
N VAL A 77 -5.57 17.11 4.91
CA VAL A 77 -4.41 16.90 4.06
C VAL A 77 -3.20 17.65 4.61
N LYS A 78 -3.41 18.90 5.05
CA LYS A 78 -2.31 19.66 5.60
C LYS A 78 -1.78 19.03 6.89
N ALA A 79 -2.69 18.48 7.71
CA ALA A 79 -2.25 17.80 8.93
C ALA A 79 -1.49 16.53 8.62
N ALA A 80 -1.89 15.82 7.57
CA ALA A 80 -1.19 14.59 7.20
C ALA A 80 0.19 14.90 6.62
N CYS A 81 0.29 15.92 5.78
CA CYS A 81 1.60 16.31 5.25
C CYS A 81 2.61 16.57 6.35
N GLU A 82 2.20 17.28 7.39
CA GLU A 82 3.03 17.70 8.51
C GLU A 82 3.22 16.60 9.54
N TRP A 83 2.28 15.65 9.65
CA TRP A 83 2.52 14.49 10.51
C TRP A 83 3.58 13.56 9.90
N ALA A 84 3.56 13.40 8.58
CA ALA A 84 4.42 12.44 7.90
C ALA A 84 5.67 13.05 7.30
N GLY A 85 5.77 14.38 7.27
CA GLY A 85 6.93 15.01 6.70
C GLY A 85 6.92 15.11 5.19
N ILE A 86 5.77 15.42 4.60
CA ILE A 86 5.60 15.48 3.16
C ILE A 86 5.40 16.93 2.76
N LYS A 87 6.24 17.41 1.85
CA LYS A 87 6.03 18.74 1.27
C LYS A 87 5.08 18.64 0.08
N GLN A 88 3.91 19.25 0.24
CA GLN A 88 3.02 19.54 -0.87
C GLN A 88 3.59 20.66 -1.73
N GLU A 89 3.74 20.39 -3.02
CA GLU A 89 4.32 21.35 -3.94
C GLU A 89 3.44 21.43 -5.18
N PHE A 90 3.17 22.64 -5.63
CA PHE A 90 2.34 22.87 -6.81
C PHE A 90 3.16 22.70 -8.08
N GLY A 91 2.48 22.40 -9.16
CA GLY A 91 3.20 22.25 -10.42
C GLY A 91 3.74 20.85 -10.60
N ILE A 92 3.89 20.45 -11.85
CA ILE A 92 4.01 19.04 -12.18
C ILE A 92 4.67 18.95 -13.55
N PRO A 93 5.82 19.61 -13.73
CA PRO A 93 6.50 19.77 -15.03
C PRO A 93 7.11 18.47 -15.57
N GLU A 103 3.20 10.88 -16.93
CA GLU A 103 2.38 11.83 -17.68
C GLU A 103 0.97 11.28 -17.88
N SER A 104 0.68 10.82 -19.10
CA SER A 104 -0.66 10.41 -19.49
C SER A 104 -0.96 8.98 -19.02
N MET A 105 -0.84 8.78 -17.74
CA MET A 105 -0.94 7.40 -17.24
C MET A 105 -2.13 7.14 -16.32
N ASN A 106 -3.00 8.14 -16.10
CA ASN A 106 -4.45 7.87 -16.03
C ASN A 106 -4.97 7.29 -17.34
N LYS A 107 -4.32 7.60 -18.45
CA LYS A 107 -4.82 7.12 -19.74
C LYS A 107 -4.62 5.65 -19.79
N GLU A 108 -3.34 5.27 -19.65
CA GLU A 108 -2.96 3.88 -19.63
C GLU A 108 -3.85 3.08 -18.70
N LEU A 109 -3.91 3.54 -17.44
CA LEU A 109 -4.57 2.78 -16.40
C LEU A 109 -5.97 2.42 -16.83
N LYS A 110 -6.68 3.34 -17.45
CA LYS A 110 -8.04 3.01 -17.78
C LYS A 110 -8.16 2.06 -18.89
N LYS A 111 -7.12 2.03 -19.72
CA LYS A 111 -6.99 1.04 -20.74
C LYS A 111 -6.93 -0.35 -20.13
N ILE A 112 -6.03 -0.54 -19.16
CA ILE A 112 -5.95 -1.83 -18.48
C ILE A 112 -7.23 -2.11 -17.71
N ILE A 113 -7.79 -1.08 -17.05
CA ILE A 113 -9.02 -1.28 -16.29
C ILE A 113 -10.10 -1.87 -17.20
N GLY A 114 -10.14 -1.42 -18.46
CA GLY A 114 -11.11 -1.96 -19.39
C GLY A 114 -10.79 -3.39 -19.78
N GLN A 115 -9.50 -3.71 -19.91
CA GLN A 115 -9.12 -5.07 -20.25
C GLN A 115 -9.58 -6.07 -19.20
N VAL A 116 -9.76 -5.63 -17.96
CA VAL A 116 -10.10 -6.54 -16.86
C VAL A 116 -11.49 -6.32 -16.29
N ARG A 117 -12.23 -5.30 -16.75
CA ARG A 117 -13.42 -4.90 -16.02
C ARG A 117 -14.39 -6.05 -15.82
N ASP A 118 -14.48 -6.95 -16.79
CA ASP A 118 -15.42 -8.06 -16.69
C ASP A 118 -14.95 -9.16 -15.77
N GLN A 119 -13.75 -9.04 -15.20
CA GLN A 119 -13.23 -10.02 -14.26
C GLN A 119 -13.54 -9.68 -12.81
N ALA A 120 -14.13 -8.51 -12.54
CA ALA A 120 -14.42 -8.07 -11.18
C ALA A 120 -15.84 -7.54 -11.08
N GLU A 121 -16.52 -7.89 -9.99
CA GLU A 121 -17.85 -7.34 -9.72
C GLU A 121 -17.73 -5.85 -9.43
N HIS A 122 -16.68 -5.46 -8.71
CA HIS A 122 -16.51 -4.09 -8.21
C HIS A 122 -15.45 -3.36 -9.00
N LEU A 123 -15.72 -2.08 -9.30
CA LEU A 123 -14.74 -1.26 -10.01
C LEU A 123 -13.42 -1.21 -9.25
N LYS A 124 -13.48 -1.08 -7.92
CA LYS A 124 -12.22 -0.97 -7.18
C LYS A 124 -11.37 -2.20 -7.37
N THR A 125 -11.97 -3.39 -7.33
CA THR A 125 -11.21 -4.60 -7.64
C THR A 125 -10.53 -4.48 -8.99
N ALA A 126 -11.24 -3.99 -10.01
CA ALA A 126 -10.66 -3.87 -11.34
C ALA A 126 -9.59 -2.80 -11.41
N VAL A 127 -9.74 -1.69 -10.67
CA VAL A 127 -8.66 -0.73 -10.56
C VAL A 127 -7.41 -1.39 -9.99
N GLN A 128 -7.58 -2.15 -8.91
CA GLN A 128 -6.42 -2.78 -8.29
C GLN A 128 -5.82 -3.86 -9.18
N MET A 129 -6.62 -4.51 -10.02
CA MET A 129 -6.02 -5.40 -11.01
C MET A 129 -5.20 -4.61 -12.02
N ALA A 130 -5.67 -3.42 -12.39
CA ALA A 130 -4.95 -2.58 -13.33
C ALA A 130 -3.63 -2.11 -12.74
N VAL A 131 -3.65 -1.69 -11.47
CA VAL A 131 -2.41 -1.29 -10.80
C VAL A 131 -1.42 -2.44 -10.82
N PHE A 132 -1.87 -3.63 -10.41
CA PHE A 132 -1.05 -4.85 -10.45
C PHE A 132 -0.36 -4.99 -11.81
N ILE A 133 -1.14 -5.03 -12.88
CA ILE A 133 -0.57 -5.20 -14.21
C ILE A 133 0.43 -4.10 -14.51
N HIS A 134 0.04 -2.84 -14.27
CA HIS A 134 0.91 -1.73 -14.63
C HIS A 134 2.26 -1.85 -13.94
N ASN A 135 2.25 -2.25 -12.68
CA ASN A 135 3.46 -2.26 -11.86
C ASN A 135 4.33 -3.48 -12.12
N LYS A 136 3.74 -4.58 -12.57
CA LYS A 136 4.49 -5.82 -12.72
C LYS A 136 5.03 -6.05 -14.12
N LYS A 137 4.41 -5.45 -15.13
CA LYS A 137 4.77 -5.73 -16.51
C LYS A 137 6.07 -5.02 -16.92
N ARG A 138 6.51 -5.35 -18.14
CA ARG A 138 7.68 -4.75 -18.75
C ARG A 138 7.31 -4.07 -20.07
N GLY A 141 11.39 -7.81 -21.65
CA GLY A 141 11.70 -6.39 -21.56
C GLY A 141 12.87 -6.06 -20.66
N GLY A 142 12.74 -5.16 -19.69
CA GLY A 142 13.85 -4.91 -18.78
C GLY A 142 13.40 -4.95 -17.34
N TYR A 143 12.95 -3.81 -16.83
CA TYR A 143 12.45 -3.75 -15.46
C TYR A 143 11.06 -3.14 -15.41
N SER A 144 10.22 -3.71 -14.55
CA SER A 144 8.90 -3.19 -14.29
C SER A 144 8.98 -1.97 -13.38
N ALA A 145 7.90 -1.18 -13.37
CA ALA A 145 7.80 -0.06 -12.44
C ALA A 145 8.04 -0.52 -11.02
N GLY A 146 7.49 -1.68 -10.65
CA GLY A 146 7.64 -2.16 -9.30
C GLY A 146 9.08 -2.52 -8.96
N GLU A 147 9.81 -3.09 -9.92
CA GLU A 147 11.22 -3.35 -9.69
C GLU A 147 12.02 -2.05 -9.66
N ARG A 148 11.63 -1.07 -10.47
CA ARG A 148 12.41 0.16 -10.51
C ARG A 148 12.30 0.93 -9.20
N ILE A 149 11.09 1.11 -8.67
CA ILE A 149 10.97 1.89 -7.44
C ILE A 149 11.81 1.26 -6.35
N VAL A 150 11.88 -0.07 -6.32
CA VAL A 150 12.72 -0.76 -5.36
C VAL A 150 14.19 -0.56 -5.72
N ASP A 151 14.54 -0.76 -6.98
CA ASP A 151 15.91 -0.48 -7.43
C ASP A 151 16.32 0.93 -7.05
N ILE A 152 15.48 1.92 -7.38
CA ILE A 152 15.81 3.31 -7.10
C ILE A 152 16.02 3.52 -5.60
N ILE A 153 15.19 2.89 -4.79
CA ILE A 153 15.27 3.11 -3.34
C ILE A 153 16.47 2.38 -2.74
N ALA A 154 16.77 1.17 -3.24
CA ALA A 154 17.89 0.42 -2.69
C ALA A 154 19.21 1.01 -3.15
N THR A 155 19.29 1.45 -4.41
CA THR A 155 20.43 2.23 -4.88
C THR A 155 20.67 3.45 -4.00
N ASP A 156 19.62 3.96 -3.35
CA ASP A 156 19.74 5.21 -2.60
C ASP A 156 20.18 4.98 -1.16
N ILE A 157 19.52 4.08 -0.43
CA ILE A 157 19.93 3.81 0.95
C ILE A 157 21.44 3.58 1.02
N GLU A 158 21.97 2.88 0.02
CA GLU A 158 23.40 2.72 -0.19
C GLU A 158 23.91 3.80 -1.15
N THR A 159 23.70 5.05 -0.73
CA THR A 159 24.12 6.22 -1.50
C THR A 159 23.61 7.49 -0.86
N SER B 7 15.92 -18.17 0.87
CA SER B 7 15.14 -17.44 -0.13
C SER B 7 13.72 -17.19 0.37
N SER B 8 13.49 -16.00 0.93
CA SER B 8 12.19 -15.64 1.46
C SER B 8 11.77 -14.25 0.98
N PRO B 9 11.99 -13.91 -0.29
CA PRO B 9 11.57 -12.57 -0.75
C PRO B 9 10.08 -12.35 -0.65
N GLY B 10 9.27 -13.34 -1.05
CA GLY B 10 7.83 -13.15 -1.14
C GLY B 10 7.04 -13.95 -0.13
N ILE B 11 7.62 -14.23 1.02
CA ILE B 11 6.93 -14.96 2.09
C ILE B 11 6.26 -13.95 3.02
N TRP B 12 4.95 -14.12 3.24
CA TRP B 12 4.20 -13.25 4.11
C TRP B 12 3.37 -14.06 5.10
N GLN B 13 3.02 -13.40 6.19
CA GLN B 13 2.24 -13.94 7.30
C GLN B 13 0.94 -13.13 7.35
N LEU B 14 -0.21 -13.79 7.52
CA LEU B 14 -1.46 -13.04 7.55
C LEU B 14 -2.25 -13.43 8.79
N ASP B 15 -2.82 -12.42 9.44
CA ASP B 15 -3.51 -12.63 10.70
C ASP B 15 -4.47 -11.47 10.97
N CYS B 16 -5.38 -11.70 11.92
CA CYS B 16 -6.32 -10.72 12.41
C CYS B 16 -5.88 -10.18 13.76
N THR B 17 -6.39 -9.00 14.10
CA THR B 17 -6.45 -8.54 15.49
C THR B 17 -7.61 -7.57 15.60
N HIS B 18 -7.97 -7.26 16.85
CA HIS B 18 -9.22 -6.57 17.15
C HIS B 18 -8.97 -5.44 18.14
N LEU B 19 -9.75 -4.37 17.99
CA LEU B 19 -9.55 -3.16 18.77
C LEU B 19 -10.74 -2.23 18.57
N GLU B 20 -11.36 -1.80 19.66
CA GLU B 20 -12.54 -0.94 19.61
C GLU B 20 -13.66 -1.59 18.80
N GLY B 21 -13.75 -2.91 18.91
CA GLY B 21 -14.80 -3.66 18.26
C GLY B 21 -14.65 -3.82 16.77
N LYS B 22 -13.50 -3.46 16.21
CA LYS B 22 -13.25 -3.52 14.79
C LYS B 22 -12.14 -4.52 14.52
N VAL B 23 -12.03 -4.93 13.26
CA VAL B 23 -11.08 -5.95 12.83
C VAL B 23 -9.94 -5.28 12.09
N ILE B 24 -8.72 -5.62 12.46
CA ILE B 24 -7.51 -5.15 11.80
C ILE B 24 -6.85 -6.35 11.14
N LEU B 25 -6.88 -6.36 9.81
CA LEU B 25 -6.08 -7.30 9.04
C LEU B 25 -4.65 -6.80 8.96
N VAL B 26 -3.70 -7.71 9.19
CA VAL B 26 -2.28 -7.39 9.28
C VAL B 26 -1.51 -8.40 8.45
N ALA B 27 -0.69 -7.90 7.53
CA ALA B 27 0.24 -8.72 6.75
C ALA B 27 1.67 -8.39 7.16
N VAL B 28 2.47 -9.42 7.40
CA VAL B 28 3.86 -9.26 7.82
C VAL B 28 4.76 -9.90 6.76
N HIS B 29 5.71 -9.13 6.26
CA HIS B 29 6.81 -9.69 5.49
C HIS B 29 7.78 -10.35 6.47
N VAL B 30 7.89 -11.66 6.40
CA VAL B 30 8.49 -12.42 7.50
C VAL B 30 9.96 -12.04 7.67
N ALA B 31 10.69 -11.88 6.57
CA ALA B 31 12.13 -11.68 6.68
C ALA B 31 12.49 -10.28 7.17
N SER B 32 11.69 -9.27 6.82
CA SER B 32 12.00 -7.89 7.17
C SER B 32 11.27 -7.37 8.40
N GLY B 33 10.10 -7.92 8.72
CA GLY B 33 9.26 -7.35 9.74
C GLY B 33 8.32 -6.27 9.25
N TYR B 34 8.40 -5.92 7.97
CA TYR B 34 7.55 -4.90 7.39
C TYR B 34 6.09 -5.33 7.46
N ILE B 35 5.21 -4.39 7.79
CA ILE B 35 3.79 -4.69 7.92
C ILE B 35 2.95 -3.76 7.06
N GLU B 36 1.83 -4.29 6.57
CA GLU B 36 0.71 -3.51 6.05
C GLU B 36 -0.55 -3.96 6.78
N ALA B 37 -1.46 -3.02 7.04
CA ALA B 37 -2.68 -3.35 7.76
C ALA B 37 -3.82 -2.49 7.22
N GLU B 38 -5.04 -2.90 7.59
CA GLU B 38 -6.25 -2.18 7.22
C GLU B 38 -7.35 -2.59 8.19
N VAL B 39 -8.22 -1.63 8.50
CA VAL B 39 -9.43 -1.92 9.25
C VAL B 39 -10.54 -2.23 8.25
N ILE B 40 -11.16 -3.39 8.42
CA ILE B 40 -12.27 -3.80 7.57
C ILE B 40 -13.57 -3.70 8.37
N THR B 44 -14.65 -10.14 6.34
CA THR B 44 -15.17 -11.16 5.43
C THR B 44 -14.14 -11.50 4.36
N GLY B 45 -14.55 -12.37 3.43
CA GLY B 45 -13.63 -12.87 2.42
C GLY B 45 -13.33 -11.84 1.34
N GLN B 46 -14.36 -11.13 0.86
CA GLN B 46 -14.14 -10.11 -0.15
C GLN B 46 -13.11 -9.09 0.31
N GLU B 47 -13.17 -8.71 1.59
CA GLU B 47 -12.24 -7.73 2.12
C GLU B 47 -10.82 -8.29 2.15
N THR B 48 -10.66 -9.52 2.60
CA THR B 48 -9.35 -10.15 2.62
C THR B 48 -8.79 -10.28 1.20
N ALA B 49 -9.63 -10.68 0.25
CA ALA B 49 -9.19 -10.83 -1.13
C ALA B 49 -8.75 -9.50 -1.71
N TYR B 50 -9.51 -8.44 -1.44
CA TYR B 50 -9.13 -7.11 -1.92
C TYR B 50 -7.79 -6.69 -1.33
N PHE B 51 -7.62 -6.88 -0.01
CA PHE B 51 -6.37 -6.54 0.65
C PHE B 51 -5.19 -7.29 0.05
N LEU B 52 -5.37 -8.58 -0.22
CA LEU B 52 -4.29 -9.38 -0.78
C LEU B 52 -3.92 -8.93 -2.19
N LEU B 53 -4.91 -8.67 -3.02
CA LEU B 53 -4.64 -8.21 -4.37
C LEU B 53 -3.81 -6.93 -4.33
N LYS B 54 -4.18 -5.99 -3.46
CA LYS B 54 -3.57 -4.65 -3.48
C LYS B 54 -2.20 -4.69 -2.83
N LEU B 55 -2.01 -5.64 -1.90
CA LEU B 55 -0.66 -6.02 -1.45
C LEU B 55 0.18 -6.57 -2.59
N ALA B 56 -0.35 -7.58 -3.30
CA ALA B 56 0.44 -8.29 -4.31
C ALA B 56 0.82 -7.40 -5.49
N GLY B 57 0.07 -6.34 -5.75
CA GLY B 57 0.43 -5.41 -6.79
C GLY B 57 1.58 -4.49 -6.43
N ARG B 58 1.97 -4.49 -5.16
CA ARG B 58 2.96 -3.57 -4.60
C ARG B 58 4.25 -4.25 -4.23
N TRP B 59 4.21 -5.51 -3.80
CA TRP B 59 5.36 -6.26 -3.42
C TRP B 59 5.38 -7.59 -4.17
N PRO B 60 6.49 -8.31 -4.15
CA PRO B 60 6.44 -9.74 -4.49
C PRO B 60 5.72 -10.51 -3.39
N VAL B 61 4.58 -11.07 -3.73
CA VAL B 61 3.79 -11.90 -2.81
C VAL B 61 3.66 -13.26 -3.47
N LYS B 62 4.39 -14.25 -2.97
CA LYS B 62 4.41 -15.59 -3.52
C LYS B 62 3.80 -16.63 -2.58
N THR B 63 3.97 -16.48 -1.27
CA THR B 63 3.35 -17.39 -0.32
C THR B 63 2.85 -16.60 0.88
N VAL B 64 1.61 -16.87 1.29
CA VAL B 64 1.00 -16.25 2.46
C VAL B 64 0.63 -17.35 3.44
N HIS B 65 1.11 -17.25 4.67
CA HIS B 65 0.82 -18.20 5.72
C HIS B 65 -0.25 -17.65 6.66
N THR B 66 -1.26 -18.47 6.96
CA THR B 66 -2.21 -18.20 8.03
C THR B 66 -2.24 -19.40 8.95
N ASP B 67 -2.68 -19.18 10.18
CA ASP B 67 -2.63 -20.22 11.21
C ASP B 67 -3.99 -20.79 11.57
N ASN B 68 -5.05 -20.41 10.87
CA ASN B 68 -6.37 -21.00 11.10
C ASN B 68 -7.00 -21.34 9.76
N GLY B 69 -8.29 -21.69 9.79
CA GLY B 69 -8.96 -22.16 8.60
C GLY B 69 -9.82 -21.14 7.87
N SER B 70 -9.97 -19.94 8.44
CA SER B 70 -10.95 -19.01 7.92
C SER B 70 -10.70 -18.67 6.45
N ASN B 71 -9.42 -18.49 6.08
CA ASN B 71 -9.13 -18.08 4.71
C ASN B 71 -9.23 -19.23 3.71
N PHE B 72 -9.32 -20.47 4.18
CA PHE B 72 -9.49 -21.61 3.28
C PHE B 72 -10.94 -21.83 2.88
N THR B 73 -11.86 -21.01 3.38
CA THR B 73 -13.28 -21.16 3.09
C THR B 73 -13.86 -19.97 2.35
N SER B 74 -13.04 -19.04 1.90
CA SER B 74 -13.49 -17.88 1.15
C SER B 74 -13.26 -18.12 -0.33
N THR B 75 -14.33 -18.11 -1.11
CA THR B 75 -14.19 -18.32 -2.54
C THR B 75 -13.50 -17.15 -3.23
N THR B 76 -13.72 -15.94 -2.74
CA THR B 76 -13.09 -14.77 -3.34
C THR B 76 -11.59 -14.75 -3.03
N VAL B 77 -11.22 -15.22 -1.84
CA VAL B 77 -9.80 -15.30 -1.48
C VAL B 77 -9.07 -16.28 -2.40
N LYS B 78 -9.63 -17.47 -2.60
CA LYS B 78 -9.01 -18.35 -3.59
C LYS B 78 -8.96 -17.69 -4.96
N ALA B 79 -10.02 -16.99 -5.35
CA ALA B 79 -10.00 -16.34 -6.67
C ALA B 79 -8.86 -15.32 -6.72
N ALA B 80 -8.67 -14.56 -5.64
CA ALA B 80 -7.55 -13.62 -5.58
C ALA B 80 -6.22 -14.35 -5.63
N CYS B 81 -6.10 -15.45 -4.90
CA CYS B 81 -4.86 -16.24 -4.92
C CYS B 81 -4.51 -16.66 -6.34
N GLU B 82 -5.49 -17.21 -7.05
CA GLU B 82 -5.24 -17.69 -8.41
C GLU B 82 -4.94 -16.53 -9.36
N TRP B 83 -5.69 -15.44 -9.24
CA TRP B 83 -5.48 -14.31 -10.15
C TRP B 83 -4.08 -13.74 -10.04
N ALA B 84 -3.56 -13.63 -8.81
CA ALA B 84 -2.30 -12.96 -8.56
C ALA B 84 -1.13 -13.91 -8.39
N GLY B 85 -1.37 -15.22 -8.36
CA GLY B 85 -0.29 -16.17 -8.23
C GLY B 85 0.24 -16.31 -6.82
N ILE B 86 -0.64 -16.31 -5.83
CA ILE B 86 -0.29 -16.43 -4.43
C ILE B 86 -0.65 -17.83 -3.97
N LYS B 87 0.32 -18.54 -3.39
CA LYS B 87 0.04 -19.81 -2.76
C LYS B 87 -0.39 -19.52 -1.33
N GLN B 88 -1.58 -19.95 -0.92
CA GLN B 88 -1.99 -19.75 0.46
C GLN B 88 -1.87 -21.07 1.23
N GLU B 89 -1.00 -21.03 2.26
CA GLU B 89 -0.48 -22.20 2.95
C GLU B 89 -0.78 -22.06 4.43
N PHE B 90 -0.98 -23.21 5.08
CA PHE B 90 -1.29 -23.21 6.50
C PHE B 90 -0.02 -23.30 7.32
N GLY B 91 -0.01 -22.63 8.46
CA GLY B 91 1.06 -22.80 9.43
C GLY B 91 2.00 -21.65 9.60
N ILE B 92 3.30 -21.94 9.48
CA ILE B 92 4.36 -21.01 9.84
C ILE B 92 5.52 -21.18 8.88
N PRO B 93 6.22 -20.09 8.49
CA PRO B 93 7.50 -20.21 7.79
C PRO B 93 8.69 -20.27 8.76
N GLU B 103 2.01 -12.38 16.68
CA GLU B 103 1.25 -11.90 17.83
C GLU B 103 2.15 -11.13 18.79
N SER B 104 3.47 -11.32 18.67
CA SER B 104 4.38 -10.30 19.16
C SER B 104 4.30 -9.06 18.29
N MET B 105 3.84 -9.22 17.05
CA MET B 105 3.67 -8.13 16.11
C MET B 105 2.33 -7.41 16.29
N ASN B 106 1.27 -8.18 16.58
CA ASN B 106 0.02 -7.53 16.92
C ASN B 106 0.12 -6.81 18.27
N LYS B 107 0.84 -7.28 19.28
CA LYS B 107 0.94 -6.46 20.47
C LYS B 107 2.02 -5.47 20.47
N GLU B 108 3.04 -5.68 19.67
CA GLU B 108 3.73 -4.46 19.17
C GLU B 108 2.92 -3.49 18.31
N LEU B 109 2.05 -3.89 17.42
CA LEU B 109 1.29 -2.86 16.72
C LEU B 109 0.32 -2.15 17.67
N LYS B 110 -0.24 -2.89 18.64
CA LYS B 110 -1.27 -2.28 19.50
C LYS B 110 -0.69 -1.26 20.47
N LYS B 111 0.53 -1.47 20.95
CA LYS B 111 1.12 -0.45 21.82
C LYS B 111 1.25 0.88 21.08
N ILE B 112 1.81 0.85 19.86
CA ILE B 112 1.98 2.08 19.10
C ILE B 112 0.63 2.72 18.83
N ILE B 113 -0.35 1.92 18.39
CA ILE B 113 -1.69 2.45 18.20
C ILE B 113 -2.14 3.19 19.46
N GLY B 114 -1.78 2.65 20.63
CA GLY B 114 -2.12 3.32 21.86
C GLY B 114 -1.37 4.63 22.03
N GLN B 115 -0.10 4.66 21.64
CA GLN B 115 0.67 5.89 21.77
C GLN B 115 0.09 7.03 20.95
N VAL B 116 -0.61 6.72 19.85
CA VAL B 116 -1.06 7.75 18.92
C VAL B 116 -2.57 7.95 18.91
N ARG B 117 -3.33 7.09 19.59
CA ARG B 117 -4.77 7.04 19.35
C ARG B 117 -5.42 8.41 19.48
N ASP B 118 -4.84 9.32 20.26
CA ASP B 118 -5.48 10.62 20.46
C ASP B 118 -5.15 11.62 19.37
N GLN B 119 -4.26 11.29 18.44
CA GLN B 119 -3.95 12.21 17.34
C GLN B 119 -4.88 12.05 16.15
N ALA B 120 -5.76 11.07 16.15
CA ALA B 120 -6.65 10.83 15.03
C ALA B 120 -8.06 10.60 15.54
N GLU B 121 -9.02 11.01 14.72
CA GLU B 121 -10.44 10.85 15.02
C GLU B 121 -10.87 9.41 14.82
N HIS B 122 -10.37 8.78 13.76
CA HIS B 122 -10.77 7.45 13.34
C HIS B 122 -9.69 6.44 13.71
N LEU B 123 -10.12 5.22 14.02
CA LEU B 123 -9.18 4.15 14.31
C LEU B 123 -8.33 3.83 13.08
N LYS B 124 -8.97 3.74 11.91
CA LYS B 124 -8.26 3.66 10.64
C LYS B 124 -6.95 4.42 10.70
N THR B 125 -7.08 5.71 11.01
CA THR B 125 -5.95 6.63 10.96
C THR B 125 -4.87 6.24 11.96
N ALA B 126 -5.29 5.95 13.20
CA ALA B 126 -4.31 5.58 14.22
C ALA B 126 -3.60 4.28 13.85
N VAL B 127 -4.32 3.33 13.25
CA VAL B 127 -3.67 2.12 12.77
C VAL B 127 -2.58 2.47 11.77
N GLN B 128 -2.90 3.33 10.80
CA GLN B 128 -1.93 3.64 9.76
C GLN B 128 -0.76 4.47 10.28
N MET B 129 -0.99 5.33 11.29
CA MET B 129 0.16 5.98 11.91
C MET B 129 1.05 4.97 12.62
N ALA B 130 0.42 3.98 13.27
CA ALA B 130 1.20 2.94 13.95
C ALA B 130 1.98 2.11 12.95
N VAL B 131 1.37 1.77 11.81
CA VAL B 131 2.09 1.07 10.75
C VAL B 131 3.29 1.90 10.31
N PHE B 132 3.06 3.19 10.04
CA PHE B 132 4.11 4.13 9.66
C PHE B 132 5.29 4.04 10.63
N ILE B 133 5.01 4.20 11.93
CA ILE B 133 6.09 4.22 12.92
C ILE B 133 6.80 2.88 12.93
N HIS B 134 6.06 1.77 12.89
CA HIS B 134 6.70 0.47 12.94
C HIS B 134 7.67 0.28 11.78
N ASN B 135 7.25 0.67 10.58
CA ASN B 135 8.05 0.40 9.39
C ASN B 135 9.21 1.38 9.25
N LYS B 136 9.10 2.58 9.82
CA LYS B 136 10.12 3.60 9.68
C LYS B 136 11.13 3.59 10.82
N LYS B 137 10.70 3.17 12.01
CA LYS B 137 11.54 3.22 13.18
C LYS B 137 12.72 2.27 13.02
N ARG B 138 13.73 2.52 13.85
CA ARG B 138 15.02 1.90 13.69
C ARG B 138 15.15 0.90 14.89
N GLY B 139 16.32 0.92 15.53
CA GLY B 139 16.50 0.81 16.97
C GLY B 139 17.34 1.98 17.46
N ILE B 140 18.20 2.46 16.54
CA ILE B 140 19.26 3.47 16.68
C ILE B 140 20.02 3.50 15.35
N GLY B 141 20.59 2.36 14.99
CA GLY B 141 21.32 2.20 13.75
C GLY B 141 20.72 1.05 12.98
N GLY B 142 21.39 0.67 11.90
CA GLY B 142 20.90 -0.36 11.02
C GLY B 142 19.86 0.10 10.01
N TYR B 143 18.80 -0.69 9.84
CA TYR B 143 17.72 -0.52 8.88
C TYR B 143 16.39 -0.75 9.56
N SER B 144 15.44 0.04 9.11
CA SER B 144 14.06 -0.14 9.47
C SER B 144 13.47 -1.28 8.65
N ALA B 145 12.32 -1.80 9.12
CA ALA B 145 11.63 -2.83 8.36
C ALA B 145 11.38 -2.37 6.93
N GLY B 146 11.04 -1.10 6.75
CA GLY B 146 10.78 -0.59 5.42
C GLY B 146 11.99 -0.62 4.53
N GLU B 147 13.17 -0.36 5.10
CA GLU B 147 14.40 -0.45 4.32
C GLU B 147 14.78 -1.90 4.06
N ARG B 148 14.58 -2.77 5.05
CA ARG B 148 14.99 -4.17 4.87
C ARG B 148 14.22 -4.82 3.73
N ILE B 149 12.90 -4.64 3.68
CA ILE B 149 12.12 -5.31 2.65
C ILE B 149 12.58 -4.85 1.27
N VAL B 150 12.89 -3.56 1.14
CA VAL B 150 13.45 -3.07 -0.11
C VAL B 150 14.83 -3.65 -0.35
N ASP B 151 15.67 -3.70 0.69
CA ASP B 151 16.96 -4.35 0.59
C ASP B 151 16.81 -5.79 0.11
N ILE B 152 16.00 -6.58 0.85
CA ILE B 152 15.79 -7.98 0.49
C ILE B 152 15.41 -8.10 -0.97
N ILE B 153 14.42 -7.31 -1.40
CA ILE B 153 13.92 -7.42 -2.78
C ILE B 153 14.99 -6.96 -3.76
N ALA B 154 15.72 -5.91 -3.44
CA ALA B 154 16.74 -5.41 -4.36
C ALA B 154 17.86 -6.43 -4.51
N THR B 155 18.32 -7.00 -3.39
CA THR B 155 19.26 -8.11 -3.44
C THR B 155 18.75 -9.23 -4.34
N ASP B 156 17.43 -9.39 -4.44
CA ASP B 156 16.88 -10.57 -5.12
C ASP B 156 17.04 -10.48 -6.62
N ILE B 157 16.47 -9.45 -7.24
CA ILE B 157 16.47 -9.36 -8.70
C ILE B 157 17.89 -9.18 -9.23
C10 9I4 C . -13.27 5.29 5.58
C13 9I4 C . -11.50 8.63 6.53
C15 9I4 C . -9.19 9.80 7.50
C17 9I4 C . -7.74 11.44 9.04
C22 9I4 C . -6.31 11.72 9.06
C24 9I4 C . -4.14 12.62 9.61
C26 9I4 C . -3.58 11.82 8.60
C28 9I4 C . -5.77 10.96 8.09
C02 9I4 C . -14.73 -2.16 0.75
C04 9I4 C . -15.04 0.12 2.13
C05 9I4 C . -15.85 1.44 2.28
C07 9I4 C . -14.89 3.79 2.47
C08 9I4 C . -14.05 4.76 3.34
C11 9I4 C . -12.97 6.80 5.82
C12 9I4 C . -11.74 7.26 6.33
C14 9I4 C . -10.19 9.25 7.09
C16 9I4 C . -7.88 10.48 7.99
C18 9I4 C . -8.80 12.06 9.98
C19 9I4 C . -8.63 11.49 11.39
C23 9I4 C . -5.52 12.58 9.86
C25 9I4 C . -3.25 13.53 10.46
C27 9I4 C . -4.39 10.99 7.83
C30 9I4 C . -12.52 9.54 6.20
C31 9I4 C . -13.74 9.09 5.70
C32 9I4 C . -13.97 7.74 5.51
C33 9I4 C . -15.17 3.79 5.33
C34 9I4 C . -15.94 2.86 4.37
C35 9I4 C . -15.22 -3.23 -0.25
C36 9I4 C . -14.35 -4.14 -0.91
C37 9I4 C . -14.86 -5.11 -1.81
C38 9I4 C . -14.04 -6.14 -2.57
C39 9I4 C . -13.48 -6.93 -3.22
C40 9I4 C . -12.73 -7.88 -4.11
C41 9I4 C . -13.28 -8.84 -5.04
C42 9I4 C . -14.75 -9.21 -5.44
C43 9I4 C . -15.03 -8.67 -6.90
C46 9I4 C . -12.07 -9.42 -5.55
C47 9I4 C . -12.03 -10.44 -6.50
C48 9I4 C . -10.69 -10.81 -6.82
C49 9I4 C . -10.41 -11.96 -7.88
C50 9I4 C . -9.57 -10.17 -6.19
C51 9I4 C . -9.72 -9.14 -5.22
C52 9I4 C . -11.05 -8.84 -4.98
C54 9I4 C . -16.22 -5.12 -2.04
C55 9I4 C . -17.07 -4.24 -1.40
C56 9I4 C . -16.56 -3.30 -0.51
N03 9I4 C . -15.56 -0.92 1.12
N06 9I4 C . -15.17 2.50 3.16
N09 9I4 C . -14.46 4.97 4.74
O01 9I4 C . -13.67 -2.29 1.25
O20 9I4 C . -8.26 12.23 12.35
O21 9I4 C . -8.86 10.28 11.58
O29 9I4 C . -6.70 10.24 7.47
O44 9I4 C . -14.93 -7.43 -7.12
O45 9I4 C . -15.35 -9.46 -7.88
O53 9I4 C . -11.38 -7.91 -4.11
H101 9I4 C . -12.50 4.90 5.14
H102 9I4 C . -13.41 4.87 6.45
H261 9I4 C . -2.67 11.86 8.45
H042 9I4 C . -14.14 0.37 1.86
H041 9I4 C . -15.01 -0.30 3.01
H051 9I4 C . -16.71 1.23 2.66
H052 9I4 C . -15.98 1.83 1.39
H072 9I4 C . -15.74 4.21 2.25
H071 9I4 C . -14.41 3.60 1.66
H082 9I4 C . -14.07 5.63 2.90
H081 9I4 C . -13.15 4.43 3.35
H121 9I4 C . -11.08 6.65 6.54
H181 9I4 C . -9.70 11.84 9.65
H182 9I4 C . -8.69 13.02 10.00
H231 9I4 C . -5.91 13.09 10.53
H253 9I4 C . -2.58 12.99 10.91
H252 9I4 C . -3.79 14.00 11.11
H251 9I4 C . -2.80 14.17 9.87
H271 9I4 C . -4.02 10.46 7.15
H301 9I4 C . -12.39 10.46 6.33
H311 9I4 C . -14.41 9.71 5.49
H321 9I4 C . -14.79 7.45 5.17
H332 9I4 C . -14.49 3.24 5.77
H331 9I4 C . -15.79 4.12 5.98
H342 9I4 C . -16.18 2.04 4.84
H341 9I4 C . -16.76 3.31 4.09
H361 9I4 C . -13.44 -4.11 -0.74
H422 9I4 C . -14.86 -10.18 -5.43
H421 9I4 C . -15.37 -8.81 -4.81
H471 9I4 C . -12.78 -10.83 -6.89
H491 9I4 C . -11.19 -12.07 -8.45
H493 9I4 C . -10.23 -12.80 -7.42
H492 9I4 C . -9.64 -11.72 -8.42
H501 9I4 C . -8.71 -10.45 -6.42
H511 9I4 C . -9.01 -8.71 -4.80
H541 9I4 C . -16.57 -5.75 -2.64
H551 9I4 C . -17.98 -4.26 -1.57
H561 9I4 C . -17.14 -2.71 -0.08
H031 9I4 C . -16.32 -0.80 0.77
I IOD D . -16.36 0.25 -6.03
I IOD E . -17.23 9.53 -14.56
S SO4 F . -11.03 18.88 5.30
O1 SO4 F . -12.20 18.00 5.29
O2 SO4 F . -10.28 18.67 4.07
O3 SO4 F . -10.19 18.57 6.45
O4 SO4 F . -11.47 20.27 5.39
S SO4 G . 7.32 16.61 -11.19
O1 SO4 G . 8.19 15.61 -10.60
O2 SO4 G . 6.65 16.05 -12.36
O3 SO4 G . 8.12 17.76 -11.59
O4 SO4 G . 6.32 17.04 -10.22
I IOD H . -4.54 -16.59 1.94
I IOD I . -12.49 -5.70 20.33
S SO4 J . -6.70 -10.50 18.95
O1 SO4 J . -6.74 -11.11 20.28
O2 SO4 J . -7.55 -11.27 18.04
O3 SO4 J . -5.33 -10.49 18.46
O4 SO4 J . -7.21 -9.14 19.05
S SO4 K . -5.62 2.12 21.70
O1 SO4 K . -4.76 0.95 21.85
O2 SO4 K . -6.99 1.70 21.44
O3 SO4 K . -5.13 2.93 20.59
O4 SO4 K . -5.57 2.93 22.91
S SO4 L . -16.59 -15.20 0.19
O1 SO4 L . -15.52 -14.96 -0.78
O2 SO4 L . -17.05 -16.58 0.08
O3 SO4 L . -16.09 -14.93 1.53
O4 SO4 L . -17.71 -14.29 -0.11
#